data_6SVF
#
_entry.id   6SVF
#
_cell.length_a   45.720
_cell.length_b   52.964
_cell.length_c   95.686
_cell.angle_alpha   90.000
_cell.angle_beta   90.000
_cell.angle_gamma   90.000
#
_symmetry.space_group_name_H-M   'P 21 21 21'
#
loop_
_entity.id
_entity.type
_entity.pdbx_description
1 polymer 'Amino acid ABC transporter, periplasmic amino acid-binding protein'
2 non-polymer ARGININE
3 water water
#
_entity_poly.entity_id   1
_entity_poly.type   'polypeptide(L)'
_entity_poly.pdbx_seq_one_letter_code
;MAIDEIKSRGYLLVGLSADFPPFEFVDENGNIVGFDVDLAKEIARRLGVELKIVDMTFDGLIPSLLTKKIDVIISGMTIT
EERKKVVAFSDPYFDAGQVIVVRKDSDFRPKTYEDLVGKTVAVQIGTTGDIEVSKYDGIKVVRFDKFTDAFLELKRGRAD
AVVLDSATARAFVAKNPDLVISSGVLSSEQYGIAVRKEDTDLLEFINSVLRELKKSGKYDVLIEKWFSE
;
_entity_poly.pdbx_strand_id   A
#
# COMPACT_ATOMS: atom_id res chain seq x y z
N MET A 1 15.28 -13.30 19.73
CA MET A 1 14.05 -13.47 18.95
CA MET A 1 14.02 -13.46 18.97
C MET A 1 13.62 -12.04 18.52
N ALA A 2 12.68 -12.02 17.63
CA ALA A 2 12.19 -10.78 17.09
C ALA A 2 11.49 -9.90 18.06
N ILE A 3 10.57 -10.45 18.86
CA ILE A 3 9.89 -9.74 19.89
C ILE A 3 10.88 -9.19 20.94
N ASP A 4 11.83 -10.05 21.29
CA ASP A 4 12.92 -9.57 22.22
C ASP A 4 13.70 -8.38 21.71
N GLU A 5 14.01 -8.31 20.42
CA GLU A 5 14.79 -7.20 19.79
CA GLU A 5 14.77 -7.18 19.92
C GLU A 5 13.94 -5.92 19.90
N ILE A 6 12.65 -6.04 19.62
CA ILE A 6 11.75 -4.93 19.75
C ILE A 6 11.68 -4.40 21.15
N LYS A 7 11.49 -5.30 22.10
CA LYS A 7 11.39 -4.90 23.49
C LYS A 7 12.73 -4.38 23.98
N SER A 8 13.86 -4.88 23.49
CA SER A 8 15.21 -4.36 23.86
C SER A 8 15.36 -2.91 23.44
N ARG A 9 14.90 -2.54 22.24
CA ARG A 9 15.04 -1.13 21.81
C ARG A 9 13.96 -0.16 22.36
N GLY A 10 12.79 -0.68 22.68
CA GLY A 10 11.72 0.06 23.21
C GLY A 10 10.69 0.59 22.20
N TYR A 11 10.80 0.17 20.96
CA TYR A 11 9.91 0.65 19.92
C TYR A 11 9.94 -0.34 18.78
N LEU A 12 8.78 -0.43 18.14
CA LEU A 12 8.56 -1.19 16.89
C LEU A 12 8.89 -0.31 15.68
N LEU A 13 9.72 -0.81 14.78
CA LEU A 13 10.09 -0.12 13.57
C LEU A 13 9.19 -0.62 12.40
N VAL A 14 8.33 0.28 11.90
CA VAL A 14 7.37 -0.07 10.83
C VAL A 14 7.74 0.69 9.58
N GLY A 15 8.03 0.00 8.51
CA GLY A 15 8.29 0.63 7.20
C GLY A 15 7.04 0.81 6.37
N LEU A 16 6.95 1.99 5.77
CA LEU A 16 5.86 2.27 4.81
C LEU A 16 6.23 3.40 3.85
N SER A 17 5.42 3.57 2.81
CA SER A 17 5.54 4.69 1.87
C SER A 17 4.26 5.52 2.01
N ALA A 18 4.34 6.67 2.63
CA ALA A 18 3.13 7.48 3.01
C ALA A 18 2.61 8.37 1.82
N ASP A 19 2.23 7.71 0.74
CA ASP A 19 1.71 8.33 -0.50
C ASP A 19 0.54 7.53 -0.98
N PHE A 20 -0.20 6.95 -0.01
CA PHE A 20 -1.17 5.89 -0.36
C PHE A 20 -2.41 5.98 0.51
N PRO A 21 -3.16 7.08 0.33
CA PRO A 21 -4.34 7.25 1.16
C PRO A 21 -5.37 6.20 0.82
N PRO A 22 -6.22 5.79 1.79
CA PRO A 22 -6.23 6.19 3.19
C PRO A 22 -5.39 5.29 4.14
N PHE A 23 -4.51 4.47 3.57
CA PHE A 23 -3.68 3.56 4.34
C PHE A 23 -2.54 4.26 5.06
N GLU A 24 -1.75 5.03 4.30
CA GLU A 24 -0.65 5.85 4.91
C GLU A 24 -0.43 7.10 3.98
N PHE A 25 -0.58 8.29 4.54
CA PHE A 25 -0.54 9.52 3.75
C PHE A 25 -0.18 10.66 4.67
N VAL A 26 0.20 11.80 4.04
CA VAL A 26 0.53 12.95 4.77
C VAL A 26 -0.69 13.88 4.83
N ASP A 27 -1.19 14.16 6.03
CA ASP A 27 -2.46 14.90 6.20
C ASP A 27 -2.20 16.45 6.15
N GLU A 28 -3.24 17.23 6.42
CA GLU A 28 -3.17 18.67 6.28
C GLU A 28 -2.26 19.32 7.31
N ASN A 29 -1.87 18.55 8.28
CA ASN A 29 -0.95 18.99 9.36
C ASN A 29 0.48 18.53 9.12
N GLY A 30 0.72 17.85 7.98
CA GLY A 30 2.05 17.36 7.68
C GLY A 30 2.36 16.09 8.52
N ASN A 31 1.33 15.42 9.07
CA ASN A 31 1.53 14.19 9.86
C ASN A 31 1.22 12.96 9.05
N ILE A 32 2.01 11.87 9.25
CA ILE A 32 1.74 10.58 8.59
C ILE A 32 0.67 9.88 9.39
N VAL A 33 -0.44 9.60 8.73
CA VAL A 33 -1.61 9.02 9.33
C VAL A 33 -2.24 7.98 8.36
N GLY A 34 -3.15 7.21 8.88
CA GLY A 34 -3.96 6.32 8.02
C GLY A 34 -4.31 5.02 8.70
N PHE A 35 -5.08 4.21 7.96
CA PHE A 35 -5.54 2.90 8.44
C PHE A 35 -4.35 2.04 8.90
N ASP A 36 -3.26 2.04 8.13
CA ASP A 36 -2.12 1.19 8.45
C ASP A 36 -1.33 1.76 9.62
N VAL A 37 -1.33 3.10 9.71
CA VAL A 37 -0.63 3.70 10.84
C VAL A 37 -1.37 3.33 12.16
N ASP A 38 -2.70 3.28 12.10
CA ASP A 38 -3.46 2.82 13.21
C ASP A 38 -3.24 1.37 13.53
N LEU A 39 -3.13 0.53 12.52
CA LEU A 39 -2.77 -0.94 12.79
C LEU A 39 -1.40 -1.00 13.46
N ALA A 40 -0.46 -0.18 13.01
CA ALA A 40 0.85 -0.15 13.57
C ALA A 40 0.83 0.26 15.05
N LYS A 41 0.03 1.27 15.35
CA LYS A 41 -0.14 1.71 16.74
C LYS A 41 -0.74 0.65 17.65
N GLU A 42 -1.68 -0.11 17.13
CA GLU A 42 -2.29 -1.23 17.90
C GLU A 42 -1.25 -2.32 18.18
N ILE A 43 -0.45 -2.73 17.17
CA ILE A 43 0.55 -3.76 17.39
C ILE A 43 1.58 -3.33 18.41
N ALA A 44 2.07 -2.11 18.23
CA ALA A 44 3.08 -1.56 19.17
C ALA A 44 2.56 -1.50 20.62
N ARG A 45 1.35 -0.97 20.75
CA ARG A 45 0.69 -0.88 22.08
C ARG A 45 0.56 -2.24 22.70
N ARG A 46 0.14 -3.24 21.95
CA ARG A 46 -0.05 -4.58 22.51
C ARG A 46 1.25 -5.28 22.87
N LEU A 47 2.35 -4.87 22.24
CA LEU A 47 3.71 -5.27 22.65
C LEU A 47 4.30 -4.51 23.85
N GLY A 48 3.62 -3.46 24.29
CA GLY A 48 4.18 -2.62 25.36
C GLY A 48 5.31 -1.74 24.94
N VAL A 49 5.35 -1.35 23.64
CA VAL A 49 6.43 -0.54 23.11
C VAL A 49 5.86 0.65 22.35
N GLU A 50 6.75 1.58 22.11
CA GLU A 50 6.45 2.77 21.31
C GLU A 50 6.46 2.41 19.82
N LEU A 51 6.01 3.32 18.97
CA LEU A 51 5.99 3.10 17.52
C LEU A 51 6.95 4.06 16.87
N LYS A 52 7.78 3.59 15.95
CA LYS A 52 8.60 4.48 15.04
C LYS A 52 8.21 4.10 13.60
N ILE A 53 7.60 5.03 12.88
CA ILE A 53 7.29 4.84 11.44
C ILE A 53 8.52 5.29 10.65
N VAL A 54 8.98 4.44 9.79
CA VAL A 54 10.13 4.72 8.94
C VAL A 54 9.53 4.87 7.52
N ASP A 55 9.33 6.12 7.10
CA ASP A 55 8.88 6.43 5.76
C ASP A 55 9.99 6.23 4.75
N MET A 56 9.68 5.60 3.61
CA MET A 56 10.66 5.37 2.56
C MET A 56 9.96 5.09 1.23
N THR A 57 10.76 4.93 0.18
CA THR A 57 10.19 4.58 -1.12
C THR A 57 9.67 3.15 -1.08
N PHE A 58 8.56 2.96 -1.74
CA PHE A 58 7.87 1.67 -1.70
C PHE A 58 8.73 0.44 -2.10
N ASP A 59 9.48 0.62 -3.17
CA ASP A 59 10.34 -0.46 -3.70
CA ASP A 59 10.34 -0.44 -3.74
C ASP A 59 11.54 -0.71 -2.77
N GLY A 60 11.74 0.14 -1.77
CA GLY A 60 12.80 -0.07 -0.77
C GLY A 60 12.38 -0.85 0.49
N LEU A 61 11.06 -1.12 0.61
CA LEU A 61 10.52 -1.74 1.82
C LEU A 61 11.02 -3.14 2.04
N ILE A 62 10.85 -3.98 1.02
CA ILE A 62 11.32 -5.37 1.16
C ILE A 62 12.82 -5.47 1.48
N PRO A 63 13.65 -4.77 0.71
CA PRO A 63 15.08 -4.79 1.05
C PRO A 63 15.39 -4.20 2.44
N SER A 64 14.63 -3.20 2.90
CA SER A 64 14.82 -2.67 4.24
CA SER A 64 14.84 -2.69 4.24
C SER A 64 14.48 -3.75 5.26
N LEU A 65 13.39 -4.48 5.04
CA LEU A 65 13.01 -5.54 5.96
C LEU A 65 14.10 -6.69 5.99
N LEU A 66 14.49 -7.15 4.81
CA LEU A 66 15.51 -8.25 4.69
C LEU A 66 16.86 -7.84 5.27
N THR A 67 17.20 -6.57 5.16
CA THR A 67 18.42 -6.05 5.75
C THR A 67 18.27 -5.54 7.13
N LYS A 68 17.15 -5.87 7.79
CA LYS A 68 16.96 -5.62 9.21
C LYS A 68 16.99 -4.17 9.62
N LYS A 69 16.52 -3.28 8.79
CA LYS A 69 16.39 -1.91 9.12
C LYS A 69 15.02 -1.64 9.71
N ILE A 70 14.04 -2.49 9.45
CA ILE A 70 12.66 -2.40 9.99
C ILE A 70 12.22 -3.77 10.46
N ASP A 71 11.30 -3.82 11.42
CA ASP A 71 10.73 -5.04 11.91
C ASP A 71 9.65 -5.64 11.01
N VAL A 72 8.88 -4.74 10.40
CA VAL A 72 7.69 -5.14 9.71
C VAL A 72 7.37 -4.09 8.63
N ILE A 73 6.62 -4.53 7.64
CA ILE A 73 6.10 -3.63 6.59
C ILE A 73 4.57 -3.58 6.77
N ILE A 74 4.01 -2.35 6.91
CA ILE A 74 2.56 -2.13 6.94
C ILE A 74 2.31 -0.98 5.99
N SER A 75 2.05 -1.31 4.70
CA SER A 75 2.17 -0.29 3.67
C SER A 75 1.30 -0.61 2.46
N GLY A 76 0.12 -1.12 2.72
CA GLY A 76 -0.77 -1.43 1.62
C GLY A 76 -0.24 -2.50 0.75
N MET A 77 0.49 -3.44 1.32
CA MET A 77 1.25 -4.42 0.52
C MET A 77 0.44 -5.63 0.16
N THR A 78 0.34 -5.88 -1.12
CA THR A 78 -0.32 -7.10 -1.64
C THR A 78 0.51 -8.37 -1.33
N ILE A 79 -0.22 -9.36 -0.85
CA ILE A 79 0.33 -10.72 -0.74
C ILE A 79 0.47 -11.31 -2.10
N THR A 80 1.71 -11.60 -2.48
CA THR A 80 1.96 -12.24 -3.78
C THR A 80 2.86 -13.47 -3.60
N GLU A 81 2.74 -14.40 -4.53
CA GLU A 81 3.67 -15.52 -4.52
C GLU A 81 5.09 -15.12 -4.69
N GLU A 82 5.40 -14.16 -5.56
CA GLU A 82 6.75 -13.73 -5.73
C GLU A 82 7.30 -13.20 -4.40
N ARG A 83 6.53 -12.39 -3.69
CA ARG A 83 7.05 -11.82 -2.47
C ARG A 83 7.15 -12.87 -1.37
N LYS A 84 6.25 -13.84 -1.37
CA LYS A 84 6.29 -14.94 -0.42
C LYS A 84 7.57 -15.80 -0.54
N LYS A 85 8.29 -15.71 -1.65
CA LYS A 85 9.60 -16.35 -1.78
C LYS A 85 10.62 -15.81 -0.78
N VAL A 86 10.49 -14.54 -0.43
CA VAL A 86 11.47 -13.86 0.43
C VAL A 86 10.99 -13.30 1.77
N VAL A 87 9.70 -13.08 1.94
CA VAL A 87 9.10 -12.64 3.24
C VAL A 87 7.86 -13.45 3.59
N ALA A 88 7.40 -13.30 4.84
CA ALA A 88 6.18 -13.95 5.27
C ALA A 88 5.09 -12.87 5.37
N PHE A 89 3.85 -13.24 5.18
CA PHE A 89 2.74 -12.34 5.34
C PHE A 89 1.79 -12.77 6.47
N SER A 90 1.20 -11.79 7.15
CA SER A 90 0.09 -12.00 8.05
C SER A 90 -1.15 -12.49 7.30
N ASP A 91 -2.19 -12.85 8.09
CA ASP A 91 -3.55 -12.96 7.60
C ASP A 91 -3.89 -11.68 6.73
N PRO A 92 -4.64 -11.86 5.66
CA PRO A 92 -5.05 -10.69 4.92
C PRO A 92 -5.94 -9.77 5.70
N TYR A 93 -5.82 -8.49 5.41
CA TYR A 93 -6.59 -7.47 6.13
C TYR A 93 -7.33 -6.43 5.30
N PHE A 94 -7.29 -6.58 3.98
CA PHE A 94 -8.00 -5.70 3.08
C PHE A 94 -8.05 -6.31 1.70
N ASP A 95 -9.10 -6.01 0.93
CA ASP A 95 -9.20 -6.49 -0.49
C ASP A 95 -9.16 -5.29 -1.46
N ALA A 96 -8.40 -5.40 -2.53
CA ALA A 96 -8.29 -4.36 -3.58
C ALA A 96 -7.93 -5.02 -4.89
N GLY A 97 -7.93 -4.27 -5.96
CA GLY A 97 -7.40 -4.71 -7.24
C GLY A 97 -7.05 -3.47 -8.07
N GLN A 98 -6.33 -3.70 -9.16
CA GLN A 98 -5.89 -2.57 -9.95
C GLN A 98 -7.03 -1.98 -10.72
N VAL A 99 -6.94 -0.67 -10.86
CA VAL A 99 -7.87 0.13 -11.70
C VAL A 99 -7.09 1.11 -12.54
N ILE A 100 -7.71 1.60 -13.58
CA ILE A 100 -7.06 2.57 -14.48
C ILE A 100 -7.73 3.93 -14.33
N VAL A 101 -6.96 4.98 -14.09
CA VAL A 101 -7.43 6.33 -13.94
C VAL A 101 -6.92 7.13 -15.14
N VAL A 102 -7.83 7.94 -15.71
CA VAL A 102 -7.57 8.79 -16.86
C VAL A 102 -8.11 10.21 -16.61
N ARG A 103 -7.75 11.16 -17.46
CA ARG A 103 -8.39 12.46 -17.43
C ARG A 103 -9.84 12.37 -17.94
N LYS A 104 -10.74 13.05 -17.23
CA LYS A 104 -12.21 13.10 -17.53
C LYS A 104 -12.50 13.75 -18.89
N ASP A 105 -11.74 14.78 -19.20
CA ASP A 105 -11.93 15.60 -20.44
C ASP A 105 -11.29 14.98 -21.66
N SER A 106 -11.40 13.68 -21.80
CA SER A 106 -10.82 13.02 -22.96
C SER A 106 -11.76 11.95 -23.29
N ASP A 107 -11.73 11.56 -24.56
CA ASP A 107 -12.53 10.46 -25.03
C ASP A 107 -12.04 9.09 -24.50
N PHE A 108 -10.81 9.02 -24.02
CA PHE A 108 -10.14 7.76 -23.80
C PHE A 108 -10.69 7.15 -22.50
N ARG A 109 -11.24 5.96 -22.65
CA ARG A 109 -11.84 5.23 -21.55
C ARG A 109 -11.40 3.76 -21.57
N PRO A 110 -10.13 3.49 -21.23
CA PRO A 110 -9.64 2.11 -21.27
C PRO A 110 -10.32 1.23 -20.18
N LYS A 111 -10.59 0.00 -20.52
CA LYS A 111 -11.26 -0.96 -19.63
C LYS A 111 -10.38 -2.14 -19.28
N THR A 112 -9.28 -2.35 -20.01
CA THR A 112 -8.37 -3.49 -19.81
C THR A 112 -6.96 -3.03 -20.01
N TYR A 113 -5.99 -3.88 -19.65
CA TYR A 113 -4.61 -3.57 -19.88
C TYR A 113 -4.33 -3.51 -21.37
N GLU A 114 -4.99 -4.36 -22.18
CA GLU A 114 -4.76 -4.31 -23.61
C GLU A 114 -5.15 -2.93 -24.23
N ASP A 115 -6.12 -2.26 -23.62
CA ASP A 115 -6.51 -0.89 -24.06
C ASP A 115 -5.39 0.15 -23.85
N LEU A 116 -4.41 -0.19 -23.05
CA LEU A 116 -3.27 0.70 -22.81
C LEU A 116 -2.07 0.61 -23.77
N VAL A 117 -2.12 -0.37 -24.64
CA VAL A 117 -1.11 -0.55 -25.66
C VAL A 117 -1.18 0.62 -26.60
N GLY A 118 -0.04 1.23 -26.82
CA GLY A 118 0.08 2.46 -27.58
C GLY A 118 -0.10 3.70 -26.73
N LYS A 119 -0.24 3.54 -25.40
CA LYS A 119 -0.39 4.68 -24.50
C LYS A 119 0.80 4.70 -23.54
N THR A 120 0.91 5.85 -22.87
CA THR A 120 1.84 6.08 -21.81
C THR A 120 1.16 6.04 -20.42
N VAL A 121 1.67 5.14 -19.58
CA VAL A 121 0.98 4.79 -18.38
C VAL A 121 2.00 4.95 -17.18
N ALA A 122 1.56 5.73 -16.19
CA ALA A 122 2.36 6.01 -15.00
C ALA A 122 1.97 4.97 -13.93
N VAL A 123 2.95 4.52 -13.16
CA VAL A 123 2.80 3.52 -12.10
C VAL A 123 3.80 3.87 -10.99
N GLN A 124 3.59 3.32 -9.79
CA GLN A 124 4.64 3.44 -8.71
C GLN A 124 5.56 2.26 -8.92
N ILE A 125 6.85 2.54 -8.98
CA ILE A 125 7.82 1.48 -9.23
C ILE A 125 7.79 0.39 -8.14
N GLY A 126 7.75 -0.84 -8.60
CA GLY A 126 7.74 -1.95 -7.69
C GLY A 126 6.39 -2.45 -7.28
N THR A 127 5.34 -1.77 -7.67
CA THR A 127 3.98 -2.22 -7.28
C THR A 127 3.42 -3.35 -8.18
N THR A 128 2.34 -3.98 -7.72
CA THR A 128 1.61 -4.92 -8.53
C THR A 128 1.10 -4.27 -9.80
N GLY A 129 0.76 -2.99 -9.76
CA GLY A 129 0.35 -2.25 -10.99
C GLY A 129 1.54 -2.18 -11.96
N ASP A 130 2.74 -1.84 -11.48
CA ASP A 130 3.91 -1.80 -12.31
C ASP A 130 4.16 -3.19 -12.87
N ILE A 131 4.08 -4.23 -12.01
CA ILE A 131 4.36 -5.57 -12.47
C ILE A 131 3.43 -5.95 -13.64
N GLU A 132 2.16 -5.66 -13.49
CA GLU A 132 1.23 -6.05 -14.58
C GLU A 132 1.40 -5.23 -15.88
N VAL A 133 1.48 -3.91 -15.83
CA VAL A 133 1.66 -3.15 -17.06
C VAL A 133 3.00 -3.45 -17.74
N SER A 134 4.01 -3.83 -16.98
CA SER A 134 5.26 -4.14 -17.51
C SER A 134 5.23 -5.38 -18.41
N LYS A 135 4.19 -6.21 -18.32
CA LYS A 135 4.07 -7.41 -19.15
C LYS A 135 3.72 -7.12 -20.61
N TYR A 136 3.22 -5.91 -20.91
CA TYR A 136 2.59 -5.58 -22.18
C TYR A 136 3.60 -4.76 -22.97
N ASP A 137 4.26 -5.38 -23.95
CA ASP A 137 5.32 -4.65 -24.63
C ASP A 137 4.93 -3.35 -25.29
N GLY A 138 3.71 -3.27 -25.76
CA GLY A 138 3.38 -1.97 -26.32
C GLY A 138 2.91 -0.83 -25.42
N ILE A 139 2.91 -1.03 -24.10
CA ILE A 139 2.61 0.08 -23.17
C ILE A 139 3.90 0.82 -22.91
N LYS A 140 3.87 2.14 -23.00
CA LYS A 140 5.01 2.92 -22.58
C LYS A 140 4.88 3.22 -21.09
N VAL A 141 5.68 2.54 -20.27
CA VAL A 141 5.52 2.66 -18.82
C VAL A 141 6.42 3.76 -18.30
N VAL A 142 5.86 4.67 -17.48
CA VAL A 142 6.69 5.65 -16.79
C VAL A 142 6.54 5.37 -15.31
N ARG A 143 7.68 5.13 -14.64
CA ARG A 143 7.67 4.72 -13.27
C ARG A 143 8.07 5.84 -12.33
N PHE A 144 7.35 5.94 -11.24
CA PHE A 144 7.57 6.99 -10.24
C PHE A 144 7.80 6.39 -8.82
N ASP A 145 8.56 7.13 -7.99
CA ASP A 145 8.65 6.81 -6.57
C ASP A 145 7.32 7.00 -5.88
N LYS A 146 6.66 8.14 -6.14
CA LYS A 146 5.44 8.53 -5.37
C LYS A 146 4.21 8.69 -6.21
N PHE A 147 3.04 8.27 -5.69
CA PHE A 147 1.79 8.37 -6.47
C PHE A 147 1.45 9.83 -6.69
N THR A 148 1.92 10.75 -5.81
CA THR A 148 1.70 12.16 -6.03
C THR A 148 2.38 12.68 -7.31
N ASP A 149 3.52 12.13 -7.65
CA ASP A 149 4.22 12.42 -8.93
C ASP A 149 3.45 11.81 -10.11
N ALA A 150 2.99 10.58 -9.92
CA ALA A 150 2.20 9.94 -11.01
C ALA A 150 0.96 10.71 -11.32
N PHE A 151 0.24 11.19 -10.31
CA PHE A 151 -0.95 12.00 -10.59
C PHE A 151 -0.69 13.37 -11.16
N LEU A 152 0.37 14.01 -10.73
CA LEU A 152 0.79 15.27 -11.34
C LEU A 152 1.03 15.05 -12.84
N GLU A 153 1.71 13.95 -13.17
CA GLU A 153 2.07 13.59 -14.57
CA GLU A 153 2.03 13.71 -14.58
C GLU A 153 0.76 13.39 -15.38
N LEU A 154 -0.18 12.67 -14.78
CA LEU A 154 -1.45 12.42 -15.45
C LEU A 154 -2.22 13.76 -15.66
N LYS A 155 -2.32 14.52 -14.59
CA LYS A 155 -3.17 15.70 -14.59
C LYS A 155 -2.69 16.73 -15.59
N ARG A 156 -1.36 16.80 -15.75
CA ARG A 156 -0.84 17.72 -16.70
C ARG A 156 -0.73 17.22 -18.10
N GLY A 157 -1.21 16.03 -18.37
CA GLY A 157 -1.21 15.41 -19.70
C GLY A 157 0.05 14.72 -20.19
N ARG A 158 1.08 14.53 -19.37
CA ARG A 158 2.26 13.81 -19.77
C ARG A 158 2.14 12.30 -19.77
N ALA A 159 1.17 11.77 -19.03
CA ALA A 159 0.80 10.40 -19.17
C ALA A 159 -0.66 10.32 -19.51
N ASP A 160 -1.05 9.21 -20.15
CA ASP A 160 -2.42 8.97 -20.54
C ASP A 160 -3.26 8.33 -19.45
N ALA A 161 -2.58 7.66 -18.52
CA ALA A 161 -3.30 6.93 -17.44
C ALA A 161 -2.37 6.67 -16.27
N VAL A 162 -2.95 6.35 -15.14
CA VAL A 162 -2.23 5.74 -13.99
C VAL A 162 -2.92 4.42 -13.66
N VAL A 163 -2.13 3.39 -13.33
CA VAL A 163 -2.67 2.13 -12.88
C VAL A 163 -2.29 1.99 -11.41
N LEU A 164 -3.27 1.79 -10.55
CA LEU A 164 -3.07 1.59 -9.14
C LEU A 164 -4.28 0.98 -8.48
N ASP A 165 -4.06 0.59 -7.24
CA ASP A 165 -5.07 -0.10 -6.42
C ASP A 165 -6.35 0.77 -6.27
N SER A 166 -7.49 0.08 -6.39
CA SER A 166 -8.83 0.56 -6.24
C SER A 166 -9.08 1.62 -5.15
N ALA A 167 -8.81 1.28 -3.89
CA ALA A 167 -9.26 2.16 -2.77
C ALA A 167 -8.45 3.47 -2.86
N THR A 168 -7.18 3.37 -3.19
CA THR A 168 -6.31 4.59 -3.25
C THR A 168 -6.63 5.41 -4.50
N ALA A 169 -6.89 4.71 -5.64
CA ALA A 169 -7.49 5.35 -6.83
C ALA A 169 -8.70 6.18 -6.41
N ARG A 170 -9.68 5.60 -5.70
CA ARG A 170 -10.88 6.30 -5.33
C ARG A 170 -10.53 7.50 -4.46
N ALA A 171 -9.54 7.35 -3.55
CA ALA A 171 -9.13 8.48 -2.66
C ALA A 171 -8.52 9.66 -3.46
N PHE A 172 -7.67 9.35 -4.44
CA PHE A 172 -7.07 10.34 -5.28
C PHE A 172 -8.15 10.99 -6.18
N VAL A 173 -9.07 10.20 -6.76
CA VAL A 173 -10.06 10.76 -7.68
C VAL A 173 -11.01 11.63 -6.92
N ALA A 174 -11.36 11.24 -5.68
CA ALA A 174 -12.20 12.14 -4.88
C ALA A 174 -11.67 13.56 -4.73
N LYS A 175 -10.38 13.77 -4.81
CA LYS A 175 -9.83 15.06 -4.64
C LYS A 175 -9.52 15.71 -5.98
N ASN A 176 -9.76 15.04 -7.11
CA ASN A 176 -9.34 15.47 -8.44
C ASN A 176 -10.50 15.20 -9.39
N PRO A 177 -11.47 16.13 -9.46
CA PRO A 177 -12.62 15.99 -10.38
C PRO A 177 -12.31 16.06 -11.87
N ASP A 178 -11.10 16.46 -12.21
CA ASP A 178 -10.57 16.31 -13.55
C ASP A 178 -10.19 14.91 -13.92
N LEU A 179 -10.27 13.95 -12.97
CA LEU A 179 -9.88 12.57 -13.24
C LEU A 179 -11.08 11.66 -13.04
N VAL A 180 -11.01 10.49 -13.61
CA VAL A 180 -12.01 9.44 -13.46
C VAL A 180 -11.36 8.04 -13.56
N ILE A 181 -11.98 7.10 -12.83
CA ILE A 181 -11.59 5.71 -12.92
C ILE A 181 -12.42 5.19 -14.08
N SER A 182 -11.73 4.70 -15.11
CA SER A 182 -12.36 4.31 -16.35
CA SER A 182 -12.30 4.30 -16.36
C SER A 182 -12.66 2.82 -16.36
N SER A 183 -11.90 2.02 -15.63
CA SER A 183 -12.01 0.57 -15.68
C SER A 183 -12.76 0.04 -14.45
N GLY A 184 -13.18 -1.20 -14.50
CA GLY A 184 -13.56 -1.93 -13.26
C GLY A 184 -12.30 -2.43 -12.60
N VAL A 185 -12.46 -3.25 -11.58
CA VAL A 185 -11.32 -3.77 -10.83
C VAL A 185 -10.72 -4.95 -11.59
N LEU A 186 -9.44 -4.90 -11.89
CA LEU A 186 -8.81 -5.84 -12.80
C LEU A 186 -8.07 -7.02 -12.14
N SER A 187 -7.96 -7.03 -10.83
CA SER A 187 -7.27 -8.06 -10.08
C SER A 187 -7.97 -8.28 -8.77
N SER A 188 -7.57 -9.37 -8.13
CA SER A 188 -8.07 -9.76 -6.83
C SER A 188 -6.91 -9.89 -5.87
N GLU A 189 -6.57 -8.76 -5.24
CA GLU A 189 -5.48 -8.67 -4.34
C GLU A 189 -5.96 -8.54 -2.87
N GLN A 190 -5.12 -9.07 -1.96
CA GLN A 190 -5.30 -8.85 -0.54
C GLN A 190 -4.01 -8.26 0.08
N TYR A 191 -4.20 -7.38 1.07
CA TYR A 191 -3.06 -6.77 1.77
C TYR A 191 -2.69 -7.64 2.93
N GLY A 192 -1.38 -7.67 3.22
CA GLY A 192 -0.85 -8.39 4.39
C GLY A 192 0.24 -7.59 5.03
N ILE A 193 0.49 -7.87 6.28
CA ILE A 193 1.67 -7.33 6.97
C ILE A 193 2.83 -8.25 6.74
N ALA A 194 3.98 -7.68 6.27
CA ALA A 194 5.16 -8.52 5.92
C ALA A 194 6.15 -8.53 7.06
N VAL A 195 6.69 -9.72 7.32
CA VAL A 195 7.76 -9.87 8.36
C VAL A 195 8.80 -10.85 7.80
N ARG A 196 10.00 -10.85 8.33
CA ARG A 196 10.99 -11.86 7.92
C ARG A 196 10.50 -13.26 8.21
N LYS A 197 10.83 -14.21 7.35
CA LYS A 197 10.35 -15.55 7.46
C LYS A 197 10.74 -16.22 8.72
N GLU A 198 11.90 -15.89 9.25
CA GLU A 198 12.34 -16.48 10.53
C GLU A 198 11.63 -15.95 11.80
N ASP A 199 10.88 -14.87 11.64
CA ASP A 199 10.30 -14.13 12.80
C ASP A 199 8.87 -14.60 13.05
N THR A 200 8.73 -15.90 13.26
CA THR A 200 7.43 -16.48 13.39
C THR A 200 6.74 -16.10 14.69
N ASP A 201 7.51 -15.71 15.71
CA ASP A 201 6.95 -15.16 16.95
C ASP A 201 6.18 -13.86 16.65
N LEU A 202 6.83 -12.95 15.94
CA LEU A 202 6.25 -11.68 15.59
C LEU A 202 5.00 -11.92 14.69
N LEU A 203 5.13 -12.82 13.73
CA LEU A 203 4.06 -13.11 12.78
C LEU A 203 2.80 -13.58 13.55
N GLU A 204 3.01 -14.56 14.44
CA GLU A 204 1.90 -15.07 15.25
C GLU A 204 1.24 -13.99 16.11
N PHE A 205 2.04 -13.09 16.64
CA PHE A 205 1.59 -12.04 17.50
C PHE A 205 0.72 -11.11 16.64
N ILE A 206 1.23 -10.76 15.46
CA ILE A 206 0.47 -9.86 14.56
C ILE A 206 -0.85 -10.45 14.12
N ASN A 207 -0.84 -11.74 13.77
CA ASN A 207 -2.10 -12.44 13.45
C ASN A 207 -3.11 -12.42 14.61
N SER A 208 -2.62 -12.60 15.85
CA SER A 208 -3.50 -12.50 17.02
CA SER A 208 -3.50 -12.51 17.03
C SER A 208 -4.14 -11.11 17.16
N VAL A 209 -3.37 -10.05 16.89
CA VAL A 209 -3.88 -8.66 17.00
C VAL A 209 -4.92 -8.49 15.93
N LEU A 210 -4.60 -8.92 14.70
CA LEU A 210 -5.57 -8.81 13.59
C LEU A 210 -6.90 -9.49 13.93
N ARG A 211 -6.81 -10.71 14.44
CA ARG A 211 -7.98 -11.51 14.73
C ARG A 211 -8.79 -10.84 15.82
N GLU A 212 -8.11 -10.26 16.78
CA GLU A 212 -8.79 -9.57 17.92
C GLU A 212 -9.49 -8.27 17.45
N LEU A 213 -8.84 -7.52 16.56
CA LEU A 213 -9.39 -6.33 15.99
C LEU A 213 -10.68 -6.67 15.32
N LYS A 214 -10.69 -7.73 14.50
CA LYS A 214 -11.96 -8.11 13.82
C LYS A 214 -13.01 -8.56 14.82
N LYS A 215 -12.62 -9.47 15.71
CA LYS A 215 -13.61 -10.01 16.69
C LYS A 215 -14.23 -8.90 17.51
N SER A 216 -13.40 -7.95 17.98
CA SER A 216 -13.84 -6.93 18.91
C SER A 216 -14.77 -5.83 18.34
N GLY A 217 -14.85 -5.71 17.01
CA GLY A 217 -15.51 -4.64 16.30
C GLY A 217 -14.57 -3.50 15.99
N LYS A 218 -13.33 -3.51 16.53
CA LYS A 218 -12.46 -2.36 16.26
C LYS A 218 -11.97 -2.24 14.82
N TYR A 219 -11.91 -3.36 14.10
CA TYR A 219 -11.52 -3.33 12.70
C TYR A 219 -12.59 -2.51 11.95
N ASP A 220 -13.89 -2.80 12.21
CA ASP A 220 -14.99 -2.03 11.53
C ASP A 220 -15.00 -0.57 11.90
N VAL A 221 -14.62 -0.24 13.14
CA VAL A 221 -14.44 1.14 13.56
C VAL A 221 -13.30 1.77 12.75
N LEU A 222 -12.23 1.03 12.51
CA LEU A 222 -11.11 1.56 11.73
CA LEU A 222 -11.12 1.61 11.74
C LEU A 222 -11.47 1.78 10.26
N ILE A 223 -12.24 0.85 9.69
CA ILE A 223 -12.73 1.03 8.34
C ILE A 223 -13.56 2.31 8.25
N GLU A 224 -14.52 2.46 9.13
CA GLU A 224 -15.35 3.66 9.16
C GLU A 224 -14.52 4.91 9.31
N LYS A 225 -13.49 4.85 10.11
CA LYS A 225 -12.65 5.99 10.33
C LYS A 225 -11.98 6.47 9.02
N TRP A 226 -11.51 5.55 8.20
CA TRP A 226 -10.65 5.91 7.10
C TRP A 226 -11.34 5.89 5.73
N PHE A 227 -12.56 5.31 5.67
CA PHE A 227 -13.35 5.18 4.43
C PHE A 227 -14.70 5.96 4.43
N SER A 228 -14.76 7.01 5.23
N SER A 228 -14.78 7.00 5.26
CA SER A 228 -15.95 7.88 5.33
CA SER A 228 -15.96 7.88 5.33
C SER A 228 -15.66 9.36 5.01
C SER A 228 -15.66 9.35 5.00
N GLU A 229 -14.69 9.60 4.11
CA GLU A 229 -14.31 11.00 3.71
C GLU A 229 -15.53 11.63 3.02
#